data_1ZUO
#
_entry.id   1ZUO
#
_cell.length_a   126.442
_cell.length_b   126.442
_cell.length_c   104.872
_cell.angle_alpha   90.00
_cell.angle_beta   90.00
_cell.angle_gamma   90.00
#
_symmetry.space_group_name_H-M   'I 4 2 2'
#
loop_
_entity.id
_entity.type
_entity.pdbx_description
1 polymer 'Hypothetical protein LOC92912'
2 non-polymer BETA-MERCAPTOETHANOL
3 water water
#
_entity_poly.entity_id   1
_entity_poly.type   'polypeptide(L)'
_entity_poly.pdbx_seq_one_letter_code
;MGSSHHHHHHSSGLVPRGSGAVSGSVQASDRLMKELRDIYRSQSYKTGIYSVELINDSLYDWHVKLQKVDPDSPLHSDLQ
ILKEKEGIEYILLNFSFKDNFPFDPPFVRVVLPVLSGGYVLGGGALCMELLTKQGWSSAYSIESVIMQINATLVKGKARV
QFGANKNQYNLARAQQSYNSIVQIHE
;
_entity_poly.pdbx_strand_id   A,B
#
loop_
_chem_comp.id
_chem_comp.type
_chem_comp.name
_chem_comp.formula
BME non-polymer BETA-MERCAPTOETHANOL 'C2 H6 O S'
#
# COMPACT_ATOMS: atom_id res chain seq x y z
N GLY A 24 -20.22 5.81 -12.27
CA GLY A 24 -20.17 4.65 -13.22
C GLY A 24 -21.51 4.35 -13.88
N SER A 25 -21.78 3.06 -14.10
CA SER A 25 -23.03 2.62 -14.71
C SER A 25 -23.44 1.25 -14.18
N VAL A 26 -24.74 0.95 -14.26
CA VAL A 26 -25.29 -0.34 -13.83
C VAL A 26 -24.70 -1.51 -14.63
N GLN A 27 -24.41 -1.28 -15.91
CA GLN A 27 -23.87 -2.31 -16.79
C GLN A 27 -22.45 -2.66 -16.36
N ALA A 28 -21.62 -1.62 -16.27
CA ALA A 28 -20.23 -1.76 -15.79
C ALA A 28 -20.20 -2.44 -14.43
N SER A 29 -20.91 -1.88 -13.46
CA SER A 29 -20.92 -2.42 -12.09
C SER A 29 -21.40 -3.87 -12.03
N ASP A 30 -22.45 -4.19 -12.77
CA ASP A 30 -22.99 -5.57 -12.80
C ASP A 30 -21.90 -6.52 -13.24
N ARG A 31 -21.20 -6.14 -14.32
CA ARG A 31 -20.16 -6.98 -14.90
C ARG A 31 -18.97 -7.09 -13.94
N LEU A 32 -18.61 -5.95 -13.33
CA LEU A 32 -17.41 -5.92 -12.45
C LEU A 32 -17.64 -6.81 -11.23
N MET A 33 -18.83 -6.75 -10.65
CA MET A 33 -19.19 -7.70 -9.59
C MET A 33 -19.12 -9.18 -10.05
N LYS A 34 -19.61 -9.47 -11.26
CA LYS A 34 -19.48 -10.84 -11.79
C LYS A 34 -18.03 -11.30 -11.97
N GLU A 35 -17.18 -10.41 -12.47
CA GLU A 35 -15.74 -10.68 -12.60
C GLU A 35 -15.11 -11.00 -11.25
N LEU A 36 -15.34 -10.12 -10.26
CA LEU A 36 -14.80 -10.36 -8.88
C LEU A 36 -15.20 -11.69 -8.28
N ARG A 37 -16.51 -11.97 -8.34
CA ARG A 37 -17.06 -13.24 -7.93
C ARG A 37 -16.40 -14.46 -8.58
N ASP A 38 -16.23 -14.41 -9.90
CA ASP A 38 -15.52 -15.45 -10.64
C ASP A 38 -14.08 -15.57 -10.18
N ILE A 39 -13.40 -14.42 -10.01
CA ILE A 39 -12.01 -14.44 -9.51
C ILE A 39 -11.97 -15.14 -8.15
N TYR A 40 -12.85 -14.73 -7.23
CA TYR A 40 -12.69 -15.19 -5.84
C TYR A 40 -12.93 -16.70 -5.70
N ARG A 41 -13.60 -17.28 -6.71
CA ARG A 41 -13.87 -18.73 -6.79
C ARG A 41 -12.89 -19.51 -7.69
N SER A 42 -11.97 -18.80 -8.36
CA SER A 42 -11.07 -19.41 -9.34
C SER A 42 -9.91 -20.15 -8.65
N GLN A 43 -9.35 -21.14 -9.33
CA GLN A 43 -8.19 -21.87 -8.81
C GLN A 43 -6.95 -21.00 -8.77
N SER A 44 -6.74 -20.22 -9.83
CA SER A 44 -5.55 -19.34 -9.93
C SER A 44 -5.48 -18.40 -8.71
N TYR A 45 -6.62 -17.85 -8.30
CA TYR A 45 -6.72 -17.03 -7.09
C TYR A 45 -6.55 -17.83 -5.81
N LYS A 46 -7.21 -18.99 -5.74
CA LYS A 46 -7.11 -19.93 -4.60
C LYS A 46 -5.68 -20.35 -4.30
N THR A 47 -4.87 -20.51 -5.35
CA THR A 47 -3.49 -20.97 -5.17
C THR A 47 -2.52 -19.79 -5.09
N GLY A 48 -3.07 -18.59 -4.97
CA GLY A 48 -2.26 -17.40 -4.65
C GLY A 48 -1.29 -16.92 -5.73
N ILE A 49 -1.67 -17.11 -6.98
CA ILE A 49 -0.83 -16.63 -8.10
C ILE A 49 -0.82 -15.11 -8.07
N TYR A 50 -1.96 -14.52 -7.71
CA TYR A 50 -2.17 -13.08 -7.70
C TYR A 50 -3.22 -12.76 -6.65
N SER A 51 -3.33 -11.49 -6.26
CA SER A 51 -4.30 -11.03 -5.28
C SER A 51 -5.10 -9.92 -5.90
N VAL A 52 -6.34 -9.70 -5.43
CA VAL A 52 -7.16 -8.59 -5.88
C VAL A 52 -7.72 -7.89 -4.66
N GLU A 53 -7.68 -6.55 -4.65
CA GLU A 53 -8.38 -5.75 -3.66
C GLU A 53 -8.90 -4.51 -4.33
N LEU A 54 -10.06 -4.01 -3.89
CA LEU A 54 -10.56 -2.73 -4.35
C LEU A 54 -9.87 -1.59 -3.63
N ILE A 55 -9.70 -0.49 -4.33
CA ILE A 55 -9.14 0.71 -3.75
C ILE A 55 -10.30 1.64 -3.39
N ASN A 56 -10.31 2.11 -2.15
CA ASN A 56 -11.34 3.06 -1.67
C ASN A 56 -12.74 2.50 -1.78
N ASP A 57 -12.83 1.17 -1.73
CA ASP A 57 -14.08 0.46 -1.93
C ASP A 57 -14.72 0.77 -3.29
N SER A 58 -13.90 1.05 -4.31
CA SER A 58 -14.43 1.35 -5.63
C SER A 58 -14.34 0.12 -6.50
N LEU A 59 -15.47 -0.28 -7.09
CA LEU A 59 -15.49 -1.46 -7.97
C LEU A 59 -14.65 -1.20 -9.20
N TYR A 60 -14.41 0.08 -9.51
CA TYR A 60 -13.79 0.57 -10.75
C TYR A 60 -12.27 0.76 -10.62
N ASP A 61 -11.71 0.46 -9.44
CA ASP A 61 -10.25 0.63 -9.18
C ASP A 61 -9.76 -0.51 -8.31
N TRP A 62 -8.82 -1.32 -8.85
CA TRP A 62 -8.32 -2.52 -8.16
C TRP A 62 -6.77 -2.55 -7.99
N HIS A 63 -6.29 -2.97 -6.81
CA HIS A 63 -4.90 -3.46 -6.62
C HIS A 63 -4.81 -4.88 -7.10
N VAL A 64 -3.89 -5.19 -8.01
CA VAL A 64 -3.67 -6.57 -8.37
C VAL A 64 -2.18 -6.88 -8.26
N LYS A 65 -1.83 -7.80 -7.36
CA LYS A 65 -0.42 -8.16 -7.18
C LYS A 65 -0.12 -9.46 -7.88
N LEU A 66 0.90 -9.47 -8.74
CA LEU A 66 1.43 -10.70 -9.28
C LEU A 66 2.42 -11.28 -8.31
N GLN A 67 2.07 -12.43 -7.72
CA GLN A 67 2.79 -12.96 -6.55
C GLN A 67 3.64 -14.16 -6.89
N LYS A 68 3.28 -14.87 -7.97
CA LYS A 68 4.06 -16.02 -8.45
C LYS A 68 4.35 -15.84 -9.93
N VAL A 69 5.57 -15.50 -10.28
CA VAL A 69 5.93 -15.41 -11.72
C VAL A 69 6.77 -16.64 -12.05
N ASP A 70 6.96 -16.96 -13.34
CA ASP A 70 7.66 -18.19 -13.77
C ASP A 70 8.97 -18.37 -12.98
N PRO A 71 9.07 -19.43 -12.15
CA PRO A 71 10.22 -19.53 -11.22
C PRO A 71 11.57 -19.70 -11.92
N ASP A 72 11.54 -19.97 -13.21
CA ASP A 72 12.74 -20.11 -14.02
C ASP A 72 13.20 -18.82 -14.64
N SER A 73 12.37 -17.77 -14.58
CA SER A 73 12.68 -16.50 -15.25
C SER A 73 13.65 -15.65 -14.44
N PRO A 74 14.47 -14.85 -15.13
CA PRO A 74 15.28 -13.86 -14.43
C PRO A 74 14.40 -12.89 -13.63
N LEU A 75 13.18 -12.58 -14.11
CA LEU A 75 12.27 -11.73 -13.31
C LEU A 75 12.08 -12.31 -11.90
N HIS A 76 11.91 -13.63 -11.80
CA HIS A 76 11.73 -14.28 -10.48
C HIS A 76 12.96 -14.05 -9.63
N SER A 77 14.12 -14.25 -10.24
CA SER A 77 15.38 -13.99 -9.56
C SER A 77 15.46 -12.53 -9.08
N ASP A 78 15.11 -11.57 -9.97
CA ASP A 78 15.15 -10.14 -9.59
C ASP A 78 14.24 -9.84 -8.41
N LEU A 79 13.07 -10.47 -8.37
CA LEU A 79 12.13 -10.19 -7.29
C LEU A 79 12.60 -10.70 -5.92
N GLN A 80 13.44 -11.73 -5.93
CA GLN A 80 14.07 -12.23 -4.67
C GLN A 80 15.06 -11.20 -4.14
N ILE A 81 15.78 -10.56 -5.05
CA ILE A 81 16.70 -9.50 -4.68
C ILE A 81 15.95 -8.31 -4.11
N LEU A 82 14.87 -7.91 -4.79
CA LEU A 82 14.01 -6.88 -4.28
C LEU A 82 13.42 -7.19 -2.89
N LYS A 83 13.10 -8.46 -2.65
CA LYS A 83 12.54 -8.85 -1.35
C LYS A 83 13.57 -8.61 -0.24
N GLU A 84 14.80 -9.06 -0.52
CA GLU A 84 15.97 -8.82 0.33
C GLU A 84 16.16 -7.31 0.55
N LYS A 85 16.09 -6.51 -0.52
CA LYS A 85 16.21 -5.03 -0.42
C LYS A 85 15.06 -4.26 0.25
N GLU A 86 13.82 -4.58 -0.12
CA GLU A 86 12.67 -3.71 0.17
C GLU A 86 11.49 -4.43 0.79
N GLY A 87 11.64 -5.74 0.97
CA GLY A 87 10.56 -6.55 1.51
C GLY A 87 9.49 -6.90 0.51
N ILE A 88 9.75 -6.62 -0.77
CA ILE A 88 8.72 -6.76 -1.84
C ILE A 88 9.16 -7.83 -2.84
N GLU A 89 8.35 -8.87 -2.98
CA GLU A 89 8.65 -9.97 -3.88
C GLU A 89 7.59 -10.09 -5.01
N TYR A 90 6.83 -9.03 -5.25
CA TYR A 90 5.67 -9.10 -6.18
C TYR A 90 5.71 -7.95 -7.14
N ILE A 91 4.85 -7.97 -8.18
CA ILE A 91 4.61 -6.78 -9.00
C ILE A 91 3.23 -6.25 -8.64
N LEU A 92 3.12 -4.98 -8.31
CA LEU A 92 1.81 -4.41 -8.00
C LEU A 92 1.29 -3.73 -9.25
N LEU A 93 0.15 -4.22 -9.74
CA LEU A 93 -0.57 -3.53 -10.83
C LEU A 93 -1.76 -2.72 -10.35
N ASN A 94 -2.14 -1.72 -11.15
CA ASN A 94 -3.37 -0.96 -10.91
C ASN A 94 -4.30 -1.17 -12.13
N PHE A 95 -5.55 -1.59 -11.86
CA PHE A 95 -6.59 -1.73 -12.92
C PHE A 95 -7.60 -0.62 -12.72
N SER A 96 -7.92 0.11 -13.78
CA SER A 96 -8.94 1.14 -13.69
C SER A 96 -9.96 0.97 -14.82
N PHE A 97 -11.22 0.98 -14.42
CA PHE A 97 -12.32 0.68 -15.35
C PHE A 97 -13.17 1.92 -15.59
N LYS A 98 -13.82 1.98 -16.75
CA LYS A 98 -14.61 3.14 -17.09
C LYS A 98 -16.09 2.76 -17.13
N ASP A 99 -16.96 3.77 -17.31
CA ASP A 99 -18.41 3.56 -17.37
C ASP A 99 -18.84 2.52 -18.41
N ASN A 100 -18.15 2.49 -19.55
CA ASN A 100 -18.57 1.66 -20.68
C ASN A 100 -17.98 0.23 -20.66
N PHE A 101 -17.33 -0.14 -19.55
CA PHE A 101 -16.87 -1.52 -19.38
C PHE A 101 -18.09 -2.43 -19.45
N PRO A 102 -17.97 -3.63 -20.08
CA PRO A 102 -16.81 -4.31 -20.67
C PRO A 102 -16.58 -4.05 -22.14
N PHE A 103 -17.13 -2.97 -22.68
CA PHE A 103 -16.95 -2.70 -24.10
C PHE A 103 -15.60 -2.04 -24.36
N ASP A 104 -15.10 -1.31 -23.37
CA ASP A 104 -13.74 -0.76 -23.40
C ASP A 104 -12.90 -1.53 -22.38
N PRO A 105 -11.62 -1.80 -22.70
CA PRO A 105 -10.78 -2.61 -21.81
C PRO A 105 -10.48 -1.89 -20.48
N PRO A 106 -10.05 -2.63 -19.45
CA PRO A 106 -9.52 -1.89 -18.29
C PRO A 106 -8.22 -1.17 -18.71
N PHE A 107 -7.86 -0.08 -18.03
CA PHE A 107 -6.54 0.54 -18.19
C PHE A 107 -5.64 -0.04 -17.10
N VAL A 108 -4.56 -0.72 -17.49
CA VAL A 108 -3.74 -1.49 -16.55
C VAL A 108 -2.33 -0.89 -16.56
N ARG A 109 -1.75 -0.63 -15.39
CA ARG A 109 -0.44 -0.01 -15.37
C ARG A 109 0.33 -0.62 -14.19
N VAL A 110 1.66 -0.57 -14.27
CA VAL A 110 2.51 -1.04 -13.14
C VAL A 110 2.68 0.07 -12.11
N VAL A 111 2.47 -0.26 -10.84
CA VAL A 111 2.70 0.74 -9.73
C VAL A 111 4.16 0.63 -9.21
N LEU A 112 4.57 -0.59 -8.91
CA LEU A 112 5.97 -0.88 -8.54
C LEU A 112 6.25 -2.36 -8.81
N PRO A 113 7.53 -2.77 -8.92
CA PRO A 113 8.74 -1.95 -8.99
C PRO A 113 8.88 -1.39 -10.40
N VAL A 114 9.86 -0.54 -10.63
CA VAL A 114 10.12 -0.09 -12.00
C VAL A 114 10.73 -1.25 -12.79
N LEU A 115 10.25 -1.47 -14.03
CA LEU A 115 10.68 -2.60 -14.87
C LEU A 115 11.23 -2.09 -16.21
N SER A 116 12.11 -2.88 -16.82
CA SER A 116 12.54 -2.68 -18.22
C SER A 116 12.13 -3.89 -19.01
N GLY A 117 11.85 -3.72 -20.30
CA GLY A 117 11.40 -4.85 -21.09
C GLY A 117 9.99 -5.21 -20.70
N GLY A 118 9.59 -6.45 -20.98
CA GLY A 118 8.31 -6.97 -20.54
C GLY A 118 7.07 -6.30 -21.13
N TYR A 119 7.23 -5.53 -22.20
CA TYR A 119 6.12 -4.71 -22.83
C TYR A 119 5.65 -3.58 -21.90
N VAL A 120 6.50 -3.16 -20.97
CA VAL A 120 6.20 -2.06 -20.08
C VAL A 120 6.76 -0.77 -20.68
N LEU A 121 5.94 0.25 -20.73
CA LEU A 121 6.32 1.54 -21.29
C LEU A 121 6.64 2.58 -20.20
N GLY A 122 7.13 3.74 -20.63
CA GLY A 122 7.37 4.85 -19.65
C GLY A 122 6.11 5.22 -18.88
N GLY A 123 6.22 5.45 -17.57
CA GLY A 123 5.05 5.78 -16.74
C GLY A 123 4.37 4.52 -16.22
N GLY A 124 4.76 3.38 -16.76
CA GLY A 124 4.24 2.08 -16.30
C GLY A 124 3.06 1.51 -17.09
N ALA A 125 2.76 2.07 -18.26
CA ALA A 125 1.70 1.51 -19.15
C ALA A 125 2.14 0.16 -19.69
N LEU A 126 1.18 -0.68 -20.06
CA LEU A 126 1.52 -1.97 -20.64
C LEU A 126 1.16 -1.93 -22.11
N CYS A 127 2.05 -2.42 -22.97
CA CYS A 127 1.76 -2.42 -24.39
C CYS A 127 1.51 -3.85 -24.82
N MET A 128 0.28 -4.32 -24.53
CA MET A 128 -0.17 -5.68 -24.85
C MET A 128 -1.42 -5.57 -25.72
N GLU A 129 -1.46 -6.34 -26.80
CA GLU A 129 -2.57 -6.17 -27.75
C GLU A 129 -3.94 -6.36 -27.11
N LEU A 130 -4.06 -7.28 -26.17
CA LEU A 130 -5.36 -7.52 -25.52
C LEU A 130 -5.93 -6.25 -24.84
N LEU A 131 -5.08 -5.28 -24.54
CA LEU A 131 -5.52 -4.08 -23.83
C LEU A 131 -5.80 -2.89 -24.73
N THR A 132 -5.72 -3.07 -26.05
CA THR A 132 -5.86 -1.94 -26.97
C THR A 132 -7.28 -2.04 -27.50
N LYS A 133 -7.74 -1.03 -28.24
CA LYS A 133 -9.10 -1.16 -28.82
C LYS A 133 -9.15 -2.27 -29.88
N GLN A 134 -8.03 -2.47 -30.58
CA GLN A 134 -7.91 -3.55 -31.58
C GLN A 134 -8.08 -4.95 -30.97
N GLY A 135 -7.45 -5.21 -29.84
CA GLY A 135 -7.36 -6.57 -29.33
C GLY A 135 -8.33 -6.95 -28.21
N TRP A 136 -8.90 -5.95 -27.55
CA TRP A 136 -9.80 -6.17 -26.40
C TRP A 136 -11.09 -6.86 -26.89
N SER A 137 -11.52 -7.87 -26.15
CA SER A 137 -12.85 -8.44 -26.33
C SER A 137 -13.56 -8.58 -24.99
N SER A 138 -14.85 -8.27 -24.93
CA SER A 138 -15.63 -8.60 -23.71
C SER A 138 -15.76 -10.11 -23.41
N ALA A 139 -15.26 -10.94 -24.31
CA ALA A 139 -15.22 -12.39 -24.12
C ALA A 139 -14.19 -12.81 -23.04
N TYR A 140 -13.26 -11.91 -22.75
CA TYR A 140 -12.17 -12.17 -21.81
C TYR A 140 -12.65 -11.98 -20.36
N SER A 141 -12.40 -12.95 -19.51
CA SER A 141 -12.60 -12.71 -18.08
C SER A 141 -11.43 -11.83 -17.59
N ILE A 142 -11.66 -11.09 -16.51
CA ILE A 142 -10.53 -10.38 -15.88
C ILE A 142 -9.49 -11.34 -15.33
N GLU A 143 -9.91 -12.51 -14.83
CA GLU A 143 -8.91 -13.52 -14.46
C GLU A 143 -7.97 -13.85 -15.63
N SER A 144 -8.54 -13.99 -16.82
CA SER A 144 -7.73 -14.35 -17.99
C SER A 144 -6.74 -13.21 -18.32
N VAL A 145 -7.19 -11.98 -18.10
CA VAL A 145 -6.38 -10.79 -18.41
C VAL A 145 -5.16 -10.78 -17.45
N ILE A 146 -5.42 -10.96 -16.15
CA ILE A 146 -4.35 -11.03 -15.13
C ILE A 146 -3.33 -12.13 -15.47
N MET A 147 -3.80 -13.30 -15.90
CA MET A 147 -2.87 -14.40 -16.17
C MET A 147 -2.09 -14.14 -17.44
N GLN A 148 -2.72 -13.49 -18.41
CA GLN A 148 -2.01 -13.17 -19.65
C GLN A 148 -0.92 -12.15 -19.42
N ILE A 149 -1.18 -11.19 -18.55
CA ILE A 149 -0.23 -10.13 -18.28
C ILE A 149 0.98 -10.79 -17.63
N ASN A 150 0.73 -11.68 -16.69
CA ASN A 150 1.80 -12.41 -15.99
C ASN A 150 2.69 -13.14 -16.99
N ALA A 151 2.07 -13.88 -17.90
CA ALA A 151 2.80 -14.62 -18.94
C ALA A 151 3.57 -13.72 -19.90
N THR A 152 3.01 -12.57 -20.23
CA THR A 152 3.57 -11.67 -21.26
C THR A 152 4.75 -10.87 -20.72
N LEU A 153 4.68 -10.46 -19.45
CA LEU A 153 5.88 -9.88 -18.80
C LEU A 153 7.08 -10.81 -18.87
N VAL A 154 6.87 -12.10 -18.58
CA VAL A 154 7.92 -13.09 -18.62
C VAL A 154 8.36 -13.34 -20.07
N LYS A 155 7.38 -13.48 -20.96
CA LYS A 155 7.71 -13.68 -22.37
C LYS A 155 8.55 -12.54 -22.91
N GLY A 156 8.23 -11.30 -22.50
CA GLY A 156 8.96 -10.11 -22.95
C GLY A 156 10.20 -9.80 -22.14
N LYS A 157 10.63 -10.76 -21.33
CA LYS A 157 11.90 -10.62 -20.57
C LYS A 157 11.96 -9.40 -19.63
N ALA A 158 10.88 -9.20 -18.87
CA ALA A 158 10.85 -8.11 -17.86
C ALA A 158 11.99 -8.29 -16.83
N ARG A 159 12.64 -7.17 -16.49
CA ARG A 159 13.69 -7.13 -15.44
C ARG A 159 13.40 -5.97 -14.52
N VAL A 160 13.77 -6.09 -13.25
CA VAL A 160 13.62 -4.94 -12.34
C VAL A 160 14.70 -3.90 -12.59
N GLN A 161 14.33 -2.63 -12.65
CA GLN A 161 15.30 -1.55 -12.73
C GLN A 161 15.71 -1.10 -11.32
N PHE A 162 16.82 -1.65 -10.80
CA PHE A 162 17.17 -1.38 -9.41
C PHE A 162 17.62 0.06 -9.06
N GLY A 163 18.30 0.73 -9.97
CA GLY A 163 18.68 2.13 -9.70
C GLY A 163 17.58 3.14 -9.95
N ALA A 164 16.38 2.66 -10.27
CA ALA A 164 15.34 3.48 -10.88
C ALA A 164 14.68 4.46 -9.96
N ASN A 165 14.63 5.69 -10.44
CA ASN A 165 13.91 6.78 -9.84
C ASN A 165 12.53 6.35 -9.35
N LYS A 166 12.32 6.48 -8.05
CA LYS A 166 11.01 6.20 -7.49
C LYS A 166 10.07 7.31 -7.94
N ASN A 167 8.80 6.97 -8.08
CA ASN A 167 7.76 7.86 -8.61
C ASN A 167 7.86 8.31 -10.07
N GLN A 168 8.53 7.54 -10.91
CA GLN A 168 8.37 7.74 -12.35
C GLN A 168 7.10 7.09 -12.91
N TYR A 169 6.41 6.32 -12.08
CA TYR A 169 5.19 5.63 -12.50
C TYR A 169 3.99 6.32 -11.83
N ASN A 170 2.99 6.67 -12.65
CA ASN A 170 1.68 7.16 -12.18
C ASN A 170 0.69 7.14 -13.34
N LEU A 171 -0.59 7.34 -13.03
CA LEU A 171 -1.64 7.32 -14.04
C LEU A 171 -1.37 8.28 -15.20
N ALA A 172 -1.03 9.53 -14.89
CA ALA A 172 -0.81 10.55 -15.92
C ALA A 172 0.23 10.14 -16.98
N ARG A 173 1.39 9.71 -16.50
CA ARG A 173 2.50 9.34 -17.37
C ARG A 173 2.20 8.05 -18.14
N ALA A 174 1.54 7.10 -17.49
CA ALA A 174 1.13 5.87 -18.18
C ALA A 174 0.15 6.20 -19.34
N GLN A 175 -0.84 7.05 -19.05
CA GLN A 175 -1.80 7.52 -20.08
C GLN A 175 -1.09 8.18 -21.26
N GLN A 176 -0.10 9.02 -20.96
CA GLN A 176 0.66 9.71 -22.00
C GLN A 176 1.38 8.71 -22.92
N SER A 177 1.99 7.67 -22.34
CA SER A 177 2.64 6.62 -23.17
C SER A 177 1.63 5.86 -24.03
N TYR A 178 0.52 5.47 -23.42
CA TYR A 178 -0.51 4.72 -24.12
C TYR A 178 -1.06 5.58 -25.26
N ASN A 179 -1.30 6.85 -24.99
CA ASN A 179 -1.73 7.77 -26.06
C ASN A 179 -0.74 7.87 -27.23
N SER A 180 0.57 7.91 -26.91
CA SER A 180 1.60 7.88 -27.93
C SER A 180 1.52 6.59 -28.77
N ILE A 181 1.34 5.43 -28.15
CA ILE A 181 1.23 4.19 -28.93
C ILE A 181 0.03 4.22 -29.88
N VAL A 182 -1.10 4.76 -29.46
CA VAL A 182 -2.29 4.73 -30.35
C VAL A 182 -2.03 5.51 -31.63
N GLN A 183 -1.15 6.51 -31.55
CA GLN A 183 -0.83 7.34 -32.70
C GLN A 183 -0.03 6.58 -33.74
N ILE A 184 0.69 5.55 -33.32
CA ILE A 184 1.51 4.80 -34.27
C ILE A 184 1.11 3.33 -34.43
N HIS A 185 -0.03 2.98 -33.83
CA HIS A 185 -0.53 1.62 -33.81
C HIS A 185 -1.96 1.59 -34.32
N GLY B 24 4.86 21.33 33.38
CA GLY B 24 4.79 19.89 33.79
C GLY B 24 5.69 19.50 34.95
N SER B 25 5.66 18.23 35.31
CA SER B 25 6.43 17.77 36.46
C SER B 25 7.80 17.22 36.07
N VAL B 26 8.67 17.17 37.07
CA VAL B 26 10.01 16.59 36.94
C VAL B 26 9.92 15.09 36.67
N GLN B 27 9.03 14.39 37.37
CA GLN B 27 8.88 12.95 37.14
C GLN B 27 8.45 12.64 35.70
N ALA B 28 7.48 13.40 35.16
CA ALA B 28 6.97 13.13 33.80
C ALA B 28 8.03 13.45 32.77
N SER B 29 8.66 14.61 32.96
CA SER B 29 9.83 15.04 32.21
C SER B 29 10.85 13.91 32.13
N ASP B 30 11.30 13.45 33.28
CA ASP B 30 12.40 12.47 33.36
C ASP B 30 12.05 11.19 32.63
N ARG B 31 10.83 10.71 32.85
CA ARG B 31 10.37 9.48 32.22
C ARG B 31 10.21 9.60 30.72
N LEU B 32 9.58 10.67 30.23
CA LEU B 32 9.49 10.93 28.78
C LEU B 32 10.84 10.99 28.08
N MET B 33 11.84 11.64 28.72
CA MET B 33 13.17 11.67 28.17
C MET B 33 13.79 10.27 28.15
N LYS B 34 13.56 9.48 29.18
CA LYS B 34 14.06 8.10 29.17
C LYS B 34 13.45 7.35 27.97
N GLU B 35 12.15 7.53 27.76
CA GLU B 35 11.44 6.81 26.69
C GLU B 35 11.95 7.18 25.30
N LEU B 36 12.20 8.47 25.08
CA LEU B 36 12.67 8.91 23.78
C LEU B 36 14.13 8.54 23.57
N ARG B 37 14.99 8.66 24.60
CA ARG B 37 16.37 8.20 24.44
C ARG B 37 16.46 6.68 24.15
N ASP B 38 15.59 5.92 24.80
CA ASP B 38 15.52 4.48 24.55
C ASP B 38 15.07 4.20 23.11
N ILE B 39 14.08 4.95 22.64
CA ILE B 39 13.61 4.85 21.25
C ILE B 39 14.74 5.07 20.25
N TYR B 40 15.55 6.13 20.45
CA TYR B 40 16.67 6.41 19.57
C TYR B 40 17.70 5.27 19.51
N ARG B 41 17.77 4.51 20.59
CA ARG B 41 18.73 3.39 20.65
C ARG B 41 18.11 2.03 20.29
N SER B 42 16.83 2.01 19.93
CA SER B 42 16.12 0.71 19.71
C SER B 42 16.35 0.14 18.32
N GLN B 43 16.25 -1.20 18.12
CA GLN B 43 16.44 -1.72 16.78
C GLN B 43 15.33 -1.31 15.85
N SER B 44 14.10 -1.23 16.37
CA SER B 44 12.97 -0.80 15.56
C SER B 44 13.21 0.57 14.93
N TYR B 45 13.69 1.49 15.74
CA TYR B 45 14.04 2.83 15.22
C TYR B 45 15.22 2.79 14.25
N LYS B 46 16.28 2.05 14.60
CA LYS B 46 17.46 1.98 13.77
C LYS B 46 17.20 1.37 12.42
N THR B 47 16.25 0.42 12.35
CA THR B 47 15.89 -0.20 11.08
C THR B 47 14.89 0.67 10.28
N GLY B 48 14.49 1.81 10.84
CA GLY B 48 13.70 2.76 10.08
C GLY B 48 12.23 2.39 9.98
N ILE B 49 11.73 1.59 10.91
CA ILE B 49 10.28 1.28 10.93
C ILE B 49 9.39 2.51 11.20
N TYR B 50 9.86 3.44 12.03
CA TYR B 50 9.13 4.70 12.31
C TYR B 50 10.18 5.81 12.60
N SER B 51 9.78 7.06 12.45
CA SER B 51 10.61 8.19 12.89
C SER B 51 9.82 8.95 13.97
N VAL B 52 10.53 9.75 14.78
CA VAL B 52 9.85 10.51 15.80
C VAL B 52 10.36 11.96 15.78
N GLU B 53 9.45 12.92 15.86
CA GLU B 53 9.87 14.35 15.99
C GLU B 53 9.00 15.06 17.01
N LEU B 54 9.59 15.96 17.78
CA LEU B 54 8.80 16.74 18.70
C LEU B 54 7.96 17.73 17.89
N ILE B 55 6.78 18.09 18.40
CA ILE B 55 5.93 19.09 17.72
C ILE B 55 6.15 20.45 18.32
N ASN B 56 6.66 21.38 17.49
CA ASN B 56 7.04 22.72 17.94
C ASN B 56 7.88 22.67 19.22
N ASP B 57 8.92 21.84 19.18
CA ASP B 57 9.86 21.63 20.30
C ASP B 57 9.29 21.06 21.64
N SER B 58 8.01 20.69 21.68
CA SER B 58 7.40 20.20 22.90
C SER B 58 7.87 18.78 23.23
N LEU B 59 8.36 18.60 24.44
CA LEU B 59 8.66 17.25 24.92
C LEU B 59 7.39 16.40 25.10
N TYR B 60 6.24 17.05 25.21
CA TYR B 60 4.95 16.39 25.53
C TYR B 60 4.07 16.09 24.31
N ASP B 61 4.58 16.35 23.12
CA ASP B 61 3.77 16.22 21.90
C ASP B 61 4.65 15.76 20.78
N TRP B 62 4.38 14.54 20.28
CA TRP B 62 5.26 13.96 19.25
C TRP B 62 4.52 13.63 17.98
N HIS B 63 5.22 13.82 16.86
CA HIS B 63 4.82 13.21 15.59
C HIS B 63 5.58 11.92 15.38
N VAL B 64 4.85 10.81 15.19
CA VAL B 64 5.49 9.55 14.88
C VAL B 64 4.98 9.10 13.50
N LYS B 65 5.91 8.89 12.57
CA LYS B 65 5.60 8.46 11.20
C LYS B 65 5.87 6.97 11.07
N LEU B 66 4.84 6.21 10.70
CA LEU B 66 5.04 4.78 10.42
C LEU B 66 5.47 4.64 8.98
N GLN B 67 6.71 4.21 8.80
CA GLN B 67 7.39 4.28 7.50
C GLN B 67 7.55 2.93 6.82
N LYS B 68 7.22 1.83 7.52
CA LYS B 68 7.46 0.50 6.97
C LYS B 68 6.30 -0.43 7.28
N VAL B 69 5.11 -0.09 6.81
CA VAL B 69 3.98 -1.00 7.05
C VAL B 69 4.12 -2.28 6.19
N ASP B 70 3.67 -3.41 6.75
CA ASP B 70 3.75 -4.76 6.15
C ASP B 70 3.53 -4.70 4.63
N PRO B 71 4.55 -5.05 3.83
CA PRO B 71 4.40 -4.90 2.37
C PRO B 71 3.36 -5.84 1.75
N ASP B 72 2.95 -6.87 2.50
CA ASP B 72 1.91 -7.79 2.00
C ASP B 72 0.48 -7.37 2.32
N SER B 73 0.33 -6.23 3.00
CA SER B 73 -0.98 -5.72 3.40
C SER B 73 -1.62 -4.84 2.32
N PRO B 74 -2.96 -4.92 2.19
CA PRO B 74 -3.65 -3.98 1.33
C PRO B 74 -3.42 -2.53 1.78
N LEU B 75 -3.22 -2.30 3.08
CA LEU B 75 -2.85 -0.94 3.52
C LEU B 75 -1.59 -0.44 2.79
N HIS B 76 -0.58 -1.29 2.70
CA HIS B 76 0.67 -0.90 2.00
C HIS B 76 0.40 -0.52 0.54
N SER B 77 -0.43 -1.31 -0.16
CA SER B 77 -0.80 -0.95 -1.53
C SER B 77 -1.51 0.38 -1.61
N ASP B 78 -2.47 0.66 -0.71
CA ASP B 78 -3.11 2.00 -0.69
C ASP B 78 -2.08 3.12 -0.58
N LEU B 79 -1.10 2.92 0.31
CA LEU B 79 -0.06 3.94 0.55
C LEU B 79 0.82 4.21 -0.68
N GLN B 80 0.97 3.20 -1.55
CA GLN B 80 1.71 3.38 -2.81
C GLN B 80 0.93 4.27 -3.78
N ILE B 81 -0.39 4.13 -3.81
CA ILE B 81 -1.25 5.04 -4.57
C ILE B 81 -1.24 6.46 -3.96
N LEU B 82 -1.34 6.54 -2.64
CA LEU B 82 -1.23 7.83 -1.96
C LEU B 82 0.11 8.52 -2.26
N LYS B 83 1.19 7.74 -2.32
CA LYS B 83 2.50 8.30 -2.70
C LYS B 83 2.43 8.95 -4.08
N GLU B 84 1.82 8.28 -5.05
CA GLU B 84 1.63 8.86 -6.38
C GLU B 84 0.81 10.14 -6.32
N LYS B 85 -0.30 10.09 -5.58
CA LYS B 85 -1.31 11.14 -5.59
C LYS B 85 -0.95 12.34 -4.73
N GLU B 86 -0.21 12.10 -3.65
CA GLU B 86 0.05 13.14 -2.65
C GLU B 86 1.51 13.26 -2.19
N GLY B 87 2.34 12.28 -2.50
CA GLY B 87 3.74 12.33 -2.13
C GLY B 87 4.02 11.71 -0.77
N ILE B 88 2.96 11.21 -0.12
CA ILE B 88 3.03 10.66 1.24
C ILE B 88 2.88 9.13 1.17
N GLU B 89 3.82 8.38 1.74
CA GLU B 89 3.63 6.92 1.87
C GLU B 89 3.68 6.41 3.33
N TYR B 90 3.52 7.32 4.29
CA TYR B 90 3.59 6.95 5.69
C TYR B 90 2.26 7.22 6.36
N ILE B 91 2.09 6.67 7.57
CA ILE B 91 0.94 7.03 8.40
C ILE B 91 1.47 7.94 9.50
N LEU B 92 0.84 9.08 9.69
CA LEU B 92 1.34 10.02 10.71
C LEU B 92 0.48 9.94 11.95
N LEU B 93 1.14 9.72 13.10
CA LEU B 93 0.50 9.64 14.40
C LEU B 93 0.86 10.84 15.26
N ASN B 94 -0.08 11.31 16.05
CA ASN B 94 0.19 12.35 17.07
C ASN B 94 0.06 11.73 18.45
N PHE B 95 1.13 11.82 19.25
CA PHE B 95 1.11 11.35 20.63
C PHE B 95 1.05 12.58 21.51
N SER B 96 0.07 12.66 22.41
CA SER B 96 0.01 13.77 23.36
C SER B 96 0.15 13.20 24.78
N PHE B 97 1.14 13.68 25.52
CA PHE B 97 1.40 13.22 26.89
C PHE B 97 1.00 14.35 27.82
N LYS B 98 0.74 14.02 29.07
CA LYS B 98 0.30 15.02 30.04
C LYS B 98 1.21 15.01 31.29
N ASP B 99 1.03 15.99 32.19
CA ASP B 99 1.92 16.13 33.37
C ASP B 99 1.81 14.91 34.29
N ASN B 100 0.78 14.11 34.06
CA ASN B 100 0.50 12.90 34.83
C ASN B 100 1.26 11.64 34.31
N PHE B 101 2.00 11.80 33.22
CA PHE B 101 2.74 10.68 32.64
C PHE B 101 3.81 10.27 33.67
N PRO B 102 4.07 8.97 33.82
CA PRO B 102 3.59 7.82 33.05
C PRO B 102 2.38 7.15 33.69
N PHE B 103 1.64 7.86 34.54
CA PHE B 103 0.57 7.18 35.26
C PHE B 103 -0.69 7.03 34.39
N ASP B 104 -0.85 7.94 33.45
CA ASP B 104 -1.94 7.84 32.48
C ASP B 104 -1.36 7.66 31.09
N PRO B 105 -2.10 6.94 30.22
CA PRO B 105 -1.57 6.68 28.87
C PRO B 105 -1.48 7.93 27.99
N PRO B 106 -0.65 7.90 26.94
CA PRO B 106 -0.74 9.02 25.97
C PRO B 106 -2.07 8.94 25.23
N PHE B 107 -2.56 10.08 24.74
CA PHE B 107 -3.65 10.12 23.74
C PHE B 107 -3.01 10.06 22.36
N VAL B 108 -3.36 9.02 21.61
CA VAL B 108 -2.75 8.82 20.31
C VAL B 108 -3.86 8.93 19.24
N ARG B 109 -3.58 9.66 18.17
CA ARG B 109 -4.48 9.72 17.05
C ARG B 109 -3.77 9.69 15.72
N VAL B 110 -4.46 9.17 14.71
CA VAL B 110 -3.93 9.20 13.36
C VAL B 110 -4.22 10.58 12.79
N VAL B 111 -3.18 11.32 12.41
CA VAL B 111 -3.32 12.65 11.81
C VAL B 111 -3.68 12.54 10.32
N LEU B 112 -2.94 11.71 9.60
CA LEU B 112 -3.15 11.48 8.16
C LEU B 112 -2.45 10.18 7.77
N PRO B 113 -2.94 9.47 6.72
CA PRO B 113 -4.14 9.82 5.97
C PRO B 113 -5.39 9.39 6.75
N VAL B 114 -6.58 9.56 6.18
CA VAL B 114 -7.78 9.05 6.83
C VAL B 114 -7.85 7.53 6.70
N LEU B 115 -8.05 6.83 7.81
CA LEU B 115 -8.08 5.34 7.80
C LEU B 115 -9.41 4.74 8.27
N SER B 116 -9.79 3.60 7.68
CA SER B 116 -10.93 2.81 8.16
C SER B 116 -10.52 1.38 8.48
N GLY B 117 -10.93 0.88 9.64
CA GLY B 117 -10.55 -0.45 10.12
C GLY B 117 -10.79 -0.67 11.60
N GLY B 118 -10.35 -1.83 12.10
CA GLY B 118 -10.44 -2.11 13.53
C GLY B 118 -9.47 -1.19 14.27
N TYR B 119 -9.82 -0.84 15.50
CA TYR B 119 -8.96 -0.07 16.41
C TYR B 119 -8.83 1.43 16.06
N VAL B 120 -9.58 1.89 15.07
CA VAL B 120 -9.59 3.31 14.78
C VAL B 120 -11.00 3.85 15.00
N LEU B 121 -11.10 4.97 15.71
CA LEU B 121 -12.40 5.60 16.02
C LEU B 121 -12.71 6.69 15.02
N GLY B 122 -13.93 7.23 15.08
CA GLY B 122 -14.27 8.38 14.25
C GLY B 122 -13.28 9.51 14.51
N GLY B 123 -12.85 10.19 13.44
CA GLY B 123 -11.89 11.31 13.57
C GLY B 123 -10.43 10.93 13.81
N GLY B 124 -10.14 9.65 14.04
CA GLY B 124 -8.77 9.15 13.96
C GLY B 124 -8.09 8.63 15.22
N ALA B 125 -8.75 8.74 16.36
CA ALA B 125 -8.15 8.27 17.62
C ALA B 125 -7.94 6.78 17.63
N LEU B 126 -6.78 6.32 18.13
CA LEU B 126 -6.58 4.87 18.21
C LEU B 126 -7.25 4.37 19.45
N CYS B 127 -7.90 3.22 19.32
CA CYS B 127 -8.60 2.55 20.39
C CYS B 127 -8.00 1.15 20.52
N MET B 128 -7.26 0.94 21.62
CA MET B 128 -6.65 -0.32 21.97
C MET B 128 -6.69 -0.45 23.48
N GLU B 129 -6.76 -1.69 23.99
CA GLU B 129 -6.92 -1.86 25.43
C GLU B 129 -5.83 -1.16 26.24
N LEU B 130 -4.58 -1.26 25.77
CA LEU B 130 -3.46 -0.69 26.52
C LEU B 130 -3.49 0.83 26.58
N LEU B 131 -4.21 1.48 25.67
CA LEU B 131 -4.34 2.94 25.68
C LEU B 131 -5.51 3.44 26.53
N THR B 132 -6.28 2.54 27.12
CA THR B 132 -7.34 3.02 27.99
C THR B 132 -6.75 3.23 29.37
N LYS B 133 -7.38 4.05 30.17
CA LYS B 133 -6.83 4.36 31.49
C LYS B 133 -6.71 3.11 32.36
N GLN B 134 -7.67 2.19 32.27
CA GLN B 134 -7.58 0.94 33.03
C GLN B 134 -6.52 -0.03 32.50
N GLY B 135 -6.37 -0.11 31.18
CA GLY B 135 -5.49 -1.13 30.56
C GLY B 135 -4.02 -0.69 30.52
N TRP B 136 -3.78 0.62 30.63
CA TRP B 136 -2.41 1.19 30.66
C TRP B 136 -1.64 0.82 31.94
N SER B 137 -0.33 0.73 31.83
CA SER B 137 0.51 0.58 32.99
C SER B 137 1.74 1.47 32.79
N SER B 138 2.19 2.13 33.85
CA SER B 138 3.45 2.86 33.82
C SER B 138 4.67 2.00 33.47
N ALA B 139 4.54 0.67 33.53
CA ALA B 139 5.65 -0.21 33.11
C ALA B 139 5.86 -0.23 31.62
N TYR B 140 4.89 0.25 30.82
CA TYR B 140 4.98 0.06 29.36
C TYR B 140 5.90 1.09 28.73
N SER B 141 6.65 0.68 27.72
CA SER B 141 7.54 1.62 27.02
C SER B 141 6.79 2.20 25.84
N ILE B 142 7.17 3.41 25.42
CA ILE B 142 6.53 4.02 24.27
C ILE B 142 7.02 3.29 22.99
N GLU B 143 8.22 2.75 22.98
CA GLU B 143 8.68 2.05 21.79
C GLU B 143 7.74 0.85 21.56
N SER B 144 7.31 0.23 22.66
CA SER B 144 6.39 -0.93 22.60
C SER B 144 5.01 -0.52 22.09
N VAL B 145 4.50 0.62 22.59
CA VAL B 145 3.21 1.17 22.15
C VAL B 145 3.28 1.44 20.64
N ILE B 146 4.33 2.14 20.20
CA ILE B 146 4.48 2.37 18.75
C ILE B 146 4.45 1.08 17.91
N MET B 147 5.21 0.07 18.30
CA MET B 147 5.23 -1.16 17.49
C MET B 147 3.90 -1.94 17.57
N GLN B 148 3.24 -1.87 18.72
CA GLN B 148 1.90 -2.49 18.86
C GLN B 148 0.87 -1.78 18.02
N ILE B 149 0.95 -0.45 17.95
CA ILE B 149 0.10 0.27 17.00
C ILE B 149 0.34 -0.14 15.55
N ASN B 150 1.61 -0.19 15.17
CA ASN B 150 2.02 -0.58 13.83
C ASN B 150 1.38 -1.94 13.46
N ALA B 151 1.58 -2.93 14.32
CA ALA B 151 1.01 -4.28 14.11
C ALA B 151 -0.53 -4.29 14.06
N THR B 152 -1.14 -3.56 15.00
CA THR B 152 -2.61 -3.52 15.17
C THR B 152 -3.35 -2.89 13.99
N LEU B 153 -2.73 -1.91 13.33
CA LEU B 153 -3.37 -1.33 12.14
C LEU B 153 -3.53 -2.35 11.03
N VAL B 154 -2.50 -3.16 10.83
CA VAL B 154 -2.50 -4.22 9.85
C VAL B 154 -3.47 -5.35 10.27
N LYS B 155 -3.39 -5.78 11.52
CA LYS B 155 -4.32 -6.78 12.06
C LYS B 155 -5.79 -6.37 11.90
N GLY B 156 -6.09 -5.10 12.11
CA GLY B 156 -7.44 -4.56 11.99
C GLY B 156 -7.85 -4.24 10.56
N LYS B 157 -7.03 -4.69 9.61
CA LYS B 157 -7.24 -4.44 8.17
C LYS B 157 -7.54 -2.99 7.82
N ALA B 158 -6.76 -2.05 8.37
CA ALA B 158 -6.98 -0.65 8.03
C ALA B 158 -6.75 -0.44 6.54
N ARG B 159 -7.48 0.52 5.97
CA ARG B 159 -7.32 0.95 4.59
C ARG B 159 -7.38 2.48 4.53
N VAL B 160 -6.80 3.06 3.48
CA VAL B 160 -6.86 4.51 3.29
C VAL B 160 -8.22 4.90 2.70
N GLN B 161 -8.87 5.90 3.29
CA GLN B 161 -10.08 6.50 2.73
C GLN B 161 -9.70 7.64 1.83
N PHE B 162 -9.79 7.46 0.51
CA PHE B 162 -9.35 8.47 -0.43
C PHE B 162 -10.37 9.61 -0.59
N GLY B 163 -11.64 9.31 -0.35
CA GLY B 163 -12.74 10.29 -0.37
C GLY B 163 -12.34 11.77 -0.52
C1 BME C . 0.79 -2.62 -29.85
C2 BME C . 0.65 -2.85 -28.36
O1 BME C . 2.19 -2.32 -30.03
S2 BME C . 2.43 -2.90 -28.14
C1 BME D . -10.63 -3.57 20.93
C2 BME D . -11.38 -2.65 19.98
O1 BME D . -9.84 -2.78 21.85
S2 BME D . -11.03 -0.92 20.39
#